data_5EXA
#
_entry.id   5EXA
#
_cell.length_a   72.000
_cell.length_b   83.090
_cell.length_c   111.150
_cell.angle_alpha   90.000
_cell.angle_beta   90.000
_cell.angle_gamma   90.000
#
_symmetry.space_group_name_H-M   'P 21 21 21'
#
loop_
_entity.id
_entity.type
_entity.pdbx_description
1 polymer '14-3-3 protein zeta/delta'
2 polymer 'GRB2-associated-binding protein 2'
3 non-polymer 'Fusicoccin A-THF derivative'
4 non-polymer 'BENZOIC ACID'
5 non-polymer 'MAGNESIUM ION'
6 water water
#
loop_
_entity_poly.entity_id
_entity_poly.type
_entity_poly.pdbx_seq_one_letter_code
_entity_poly.pdbx_strand_id
1 'polypeptide(L)'
;MDKNELVQKAKLAEQAERYDDMAACMKSVTEQGAELSNEERNLLSVAYKNVVGARRSSWRVVSSIEQKTEGAEKKQQMAR
EYREKIETELRDICNDVLSLLEKFLIPNASQAESKVFYLKMKGDYYRYLAEVAAGDDKKGIVDQSQQAYQEAFEISKKEM
QPTHPIRLGLALNFSVFYYEILNSPEKACSLAKTAFDEAIAELDTLSEESYKDSTLIMQLLRDNLTLWTS
;
A,B
2 'polypeptide(L)' PRRN(TPO)LPAMDQ C,D
#
# COMPACT_ATOMS: atom_id res chain seq x y z
N ASP A 2 -14.95 -24.45 9.68
CA ASP A 2 -14.84 -22.98 9.49
C ASP A 2 -13.45 -22.45 9.88
N LYS A 3 -12.89 -22.91 10.99
CA LYS A 3 -11.54 -22.52 11.37
C LYS A 3 -10.50 -22.60 10.23
N ASN A 4 -10.34 -23.79 9.64
CA ASN A 4 -9.29 -24.04 8.66
C ASN A 4 -9.59 -23.19 7.42
N GLU A 5 -10.87 -22.98 7.15
CA GLU A 5 -11.32 -22.14 6.08
C GLU A 5 -10.89 -20.65 6.26
N LEU A 6 -11.24 -20.07 7.42
CA LEU A 6 -10.78 -18.70 7.77
C LEU A 6 -9.28 -18.51 7.60
N VAL A 7 -8.47 -19.49 7.97
CA VAL A 7 -6.98 -19.39 7.82
C VAL A 7 -6.54 -19.42 6.36
N GLN A 8 -7.25 -20.24 5.57
CA GLN A 8 -7.00 -20.28 4.11
C GLN A 8 -7.31 -18.94 3.50
N LYS A 9 -8.48 -18.38 3.84
CA LYS A 9 -8.86 -17.05 3.31
C LYS A 9 -7.87 -15.97 3.71
N ALA A 10 -7.39 -16.06 4.95
CA ALA A 10 -6.27 -15.16 5.38
C ALA A 10 -5.01 -15.27 4.52
N LYS A 11 -4.59 -16.47 4.16
CA LYS A 11 -3.38 -16.58 3.36
C LYS A 11 -3.58 -16.09 1.93
N LEU A 12 -4.79 -16.25 1.42
CA LEU A 12 -5.18 -15.73 0.10
C LEU A 12 -5.15 -14.19 0.14
N ALA A 13 -5.78 -13.62 1.17
CA ALA A 13 -5.72 -12.18 1.39
C ALA A 13 -4.27 -11.69 1.44
N GLU A 14 -3.40 -12.42 2.12
CA GLU A 14 -1.99 -12.03 2.24
C GLU A 14 -1.31 -11.97 0.89
N GLN A 15 -1.49 -13.03 0.13
CA GLN A 15 -0.96 -13.10 -1.26
C GLN A 15 -1.44 -11.91 -2.11
N ALA A 16 -2.73 -11.59 -1.99
CA ALA A 16 -3.36 -10.46 -2.66
C ALA A 16 -2.96 -9.07 -2.09
N GLU A 17 -2.13 -9.05 -1.04
CA GLU A 17 -1.81 -7.86 -0.25
C GLU A 17 -3.06 -7.04 0.17
N ARG A 18 -4.11 -7.72 0.61
CA ARG A 18 -5.30 -7.11 1.14
C ARG A 18 -5.29 -7.38 2.68
N TYR A 19 -4.60 -6.51 3.40
CA TYR A 19 -4.30 -6.82 4.82
C TYR A 19 -5.50 -6.59 5.69
N ASP A 20 -6.40 -5.71 5.28
CA ASP A 20 -7.68 -5.58 6.07
C ASP A 20 -8.46 -6.88 6.09
N ASP A 21 -8.65 -7.48 4.90
CA ASP A 21 -9.23 -8.83 4.81
C ASP A 21 -8.42 -9.89 5.62
N MET A 22 -7.10 -9.88 5.48
CA MET A 22 -6.30 -10.83 6.20
C MET A 22 -6.52 -10.67 7.72
N ALA A 23 -6.52 -9.42 8.20
CA ALA A 23 -6.77 -9.18 9.63
C ALA A 23 -8.18 -9.58 10.12
N ALA A 24 -9.22 -9.33 9.31
CA ALA A 24 -10.62 -9.74 9.61
C ALA A 24 -10.75 -11.23 9.75
N CYS A 25 -10.07 -11.97 8.87
CA CYS A 25 -10.08 -13.43 8.96
C CYS A 25 -9.40 -13.92 10.24
N MET A 26 -8.20 -13.40 10.53
CA MET A 26 -7.49 -13.79 11.75
C MET A 26 -8.19 -13.32 13.04
N LYS A 27 -8.88 -12.21 12.96
CA LYS A 27 -9.67 -11.79 14.11
C LYS A 27 -10.81 -12.82 14.39
N SER A 28 -11.50 -13.25 13.34
CA SER A 28 -12.55 -14.27 13.47
C SER A 28 -12.07 -15.59 14.07
N VAL A 29 -10.90 -16.03 13.63
CA VAL A 29 -10.27 -17.20 14.15
C VAL A 29 -9.97 -17.02 15.66
N THR A 30 -9.35 -15.91 16.04
CA THR A 30 -8.98 -15.67 17.43
C THR A 30 -10.25 -15.76 18.34
N GLU A 31 -11.30 -15.11 17.87
CA GLU A 31 -12.57 -15.04 18.61
C GLU A 31 -13.31 -16.37 18.74
N GLN A 32 -12.94 -17.40 17.98
CA GLN A 32 -13.49 -18.71 18.22
C GLN A 32 -13.01 -19.36 19.51
N GLY A 33 -11.84 -18.94 20.02
CA GLY A 33 -11.50 -19.16 21.43
C GLY A 33 -10.44 -20.22 21.74
N ALA A 34 -9.92 -20.88 20.72
CA ALA A 34 -8.97 -21.93 20.95
C ALA A 34 -7.59 -21.33 20.74
N GLU A 35 -6.55 -21.83 21.40
CA GLU A 35 -5.22 -21.22 21.19
C GLU A 35 -4.90 -21.33 19.74
N LEU A 36 -4.12 -20.34 19.30
CA LEU A 36 -3.66 -20.31 17.93
C LEU A 36 -2.43 -21.17 17.90
N SER A 37 -2.27 -21.90 16.80
CA SER A 37 -1.01 -22.54 16.45
C SER A 37 -0.02 -21.46 16.14
N ASN A 38 1.27 -21.83 16.01
CA ASN A 38 2.34 -20.91 15.67
C ASN A 38 2.07 -20.17 14.34
N GLU A 39 1.55 -20.94 13.39
CA GLU A 39 1.25 -20.41 12.06
C GLU A 39 0.14 -19.36 12.13
N GLU A 40 -0.93 -19.65 12.86
CA GLU A 40 -2.02 -18.72 13.01
C GLU A 40 -1.62 -17.43 13.72
N ARG A 41 -0.83 -17.59 14.79
CA ARG A 41 -0.32 -16.46 15.55
C ARG A 41 0.49 -15.54 14.65
N ASN A 42 1.38 -16.11 13.81
CA ASN A 42 2.22 -15.30 12.92
C ASN A 42 1.38 -14.62 11.83
N LEU A 43 0.33 -15.28 11.38
CA LEU A 43 -0.55 -14.66 10.40
C LEU A 43 -1.26 -13.47 11.05
N LEU A 44 -1.72 -13.65 12.28
CA LEU A 44 -2.40 -12.57 12.95
C LEU A 44 -1.46 -11.40 13.12
N SER A 45 -0.24 -11.63 13.56
CA SER A 45 0.78 -10.59 13.69
C SER A 45 1.10 -9.82 12.40
N VAL A 46 1.31 -10.55 11.31
CA VAL A 46 1.62 -9.89 10.05
C VAL A 46 0.46 -9.07 9.57
N ALA A 47 -0.74 -9.60 9.74
CA ALA A 47 -1.92 -8.90 9.23
C ALA A 47 -2.03 -7.58 9.94
N TYR A 48 -2.00 -7.60 11.28
CA TYR A 48 -2.20 -6.31 11.99
C TYR A 48 -1.02 -5.39 11.90
N LYS A 49 0.17 -5.92 11.78
CA LYS A 49 1.34 -4.99 11.58
C LYS A 49 1.19 -4.17 10.28
N ASN A 50 0.70 -4.80 9.22
CA ASN A 50 0.42 -4.06 8.00
C ASN A 50 -0.72 -3.10 8.13
N VAL A 51 -1.80 -3.48 8.80
CA VAL A 51 -2.92 -2.57 8.92
C VAL A 51 -2.55 -1.32 9.76
N VAL A 52 -1.90 -1.58 10.90
CA VAL A 52 -1.55 -0.46 11.77
C VAL A 52 -0.38 0.31 11.17
N GLY A 53 0.52 -0.38 10.53
CA GLY A 53 1.75 0.29 10.04
C GLY A 53 1.49 1.21 8.90
N ALA A 54 0.44 0.96 8.11
CA ALA A 54 0.06 1.91 7.08
C ALA A 54 -0.30 3.22 7.77
N ARG A 55 -1.11 3.16 8.84
CA ARG A 55 -1.46 4.44 9.51
C ARG A 55 -0.27 5.07 10.21
N ARG A 56 0.57 4.26 10.83
CA ARG A 56 1.74 4.84 11.47
C ARG A 56 2.62 5.58 10.42
N SER A 57 2.86 4.93 9.29
CA SER A 57 3.63 5.59 8.20
C SER A 57 2.95 6.91 7.76
N SER A 58 1.60 6.91 7.58
CA SER A 58 0.98 8.08 7.08
C SER A 58 1.10 9.14 8.19
N TRP A 59 0.94 8.71 9.43
CA TRP A 59 0.97 9.68 10.56
C TRP A 59 2.32 10.40 10.64
N ARG A 60 3.42 9.68 10.46
CA ARG A 60 4.76 10.29 10.44
C ARG A 60 4.91 11.30 9.32
N VAL A 61 4.42 10.94 8.14
CA VAL A 61 4.50 11.90 7.02
C VAL A 61 3.75 13.21 7.32
N VAL A 62 2.51 13.08 7.75
CA VAL A 62 1.69 14.25 8.00
C VAL A 62 2.19 15.07 9.18
N SER A 63 2.63 14.36 10.21
CA SER A 63 3.17 15.01 11.38
C SER A 63 4.46 15.74 10.96
N SER A 64 5.25 15.18 10.06
CA SER A 64 6.43 15.95 9.55
C SER A 64 6.03 17.23 8.75
N ILE A 65 4.93 17.13 8.00
CA ILE A 65 4.41 18.26 7.30
C ILE A 65 3.89 19.33 8.21
N GLU A 66 3.16 18.93 9.27
CA GLU A 66 2.63 19.86 10.22
C GLU A 66 3.79 20.64 10.83
N GLN A 67 4.90 19.95 11.08
CA GLN A 67 6.06 20.55 11.68
C GLN A 67 6.75 21.49 10.70
N LYS A 68 6.84 21.11 9.43
CA LYS A 68 7.39 21.98 8.43
C LYS A 68 6.59 23.24 8.03
N THR A 69 5.28 23.26 8.32
CA THR A 69 4.44 24.37 7.95
C THR A 69 4.14 25.28 9.15
N GLU A 70 4.97 25.20 10.19
CA GLU A 70 5.03 26.22 11.22
C GLU A 70 5.09 27.61 10.55
N GLY A 71 4.18 28.51 10.95
CA GLY A 71 4.13 29.85 10.31
C GLY A 71 3.33 29.99 9.00
N ALA A 72 2.68 28.88 8.55
CA ALA A 72 1.74 28.88 7.43
C ALA A 72 0.48 28.24 8.00
N GLU A 73 -0.31 29.07 8.63
CA GLU A 73 -1.37 28.66 9.48
C GLU A 73 -2.38 27.75 8.78
N LYS A 74 -2.80 28.12 7.57
CA LYS A 74 -3.82 27.31 6.88
C LYS A 74 -3.32 25.91 6.58
N LYS A 75 -2.11 25.79 6.08
CA LYS A 75 -1.53 24.49 5.79
C LYS A 75 -1.33 23.65 7.07
N GLN A 76 -0.91 24.31 8.14
CA GLN A 76 -0.57 23.59 9.33
C GLN A 76 -1.86 23.13 9.94
N GLN A 77 -2.93 23.96 9.86
CA GLN A 77 -4.20 23.51 10.40
C GLN A 77 -4.73 22.30 9.62
N MET A 78 -4.61 22.30 8.29
CA MET A 78 -5.07 21.15 7.49
C MET A 78 -4.29 19.86 7.89
N ALA A 79 -2.98 19.98 8.09
CA ALA A 79 -2.15 18.86 8.43
C ALA A 79 -2.50 18.34 9.80
N ARG A 80 -2.73 19.25 10.74
CA ARG A 80 -3.17 18.90 12.09
C ARG A 80 -4.50 18.15 12.07
N GLU A 81 -5.47 18.65 11.30
CA GLU A 81 -6.78 17.98 11.29
C GLU A 81 -6.67 16.59 10.62
N TYR A 82 -5.84 16.49 9.60
CA TYR A 82 -5.68 15.19 8.93
C TYR A 82 -4.93 14.22 9.82
N ARG A 83 -3.91 14.73 10.53
CA ARG A 83 -3.20 13.90 11.51
C ARG A 83 -4.21 13.39 12.55
N GLU A 84 -5.08 14.26 13.06
CA GLU A 84 -6.12 13.79 14.01
C GLU A 84 -7.01 12.63 13.48
N LYS A 85 -7.40 12.75 12.22
CA LYS A 85 -8.18 11.73 11.54
C LYS A 85 -7.43 10.40 11.44
N ILE A 86 -6.16 10.46 11.04
CA ILE A 86 -5.32 9.26 11.02
C ILE A 86 -5.19 8.62 12.43
N GLU A 87 -5.04 9.47 13.47
CA GLU A 87 -4.88 8.96 14.82
C GLU A 87 -6.09 8.19 15.26
N THR A 88 -7.28 8.68 14.96
CA THR A 88 -8.45 7.94 15.38
CA THR A 88 -8.50 7.97 15.33
C THR A 88 -8.49 6.56 14.74
N GLU A 89 -8.10 6.45 13.47
CA GLU A 89 -8.00 5.12 12.88
C GLU A 89 -6.98 4.26 13.60
N LEU A 90 -5.80 4.84 13.80
CA LEU A 90 -4.70 4.14 14.49
C LEU A 90 -5.15 3.65 15.86
N ARG A 91 -5.85 4.52 16.58
CA ARG A 91 -6.33 4.11 17.90
C ARG A 91 -7.31 2.97 17.81
N ASP A 92 -8.22 3.07 16.84
CA ASP A 92 -9.24 1.99 16.74
C ASP A 92 -8.60 0.64 16.44
N ILE A 93 -7.53 0.68 15.62
CA ILE A 93 -6.87 -0.55 15.23
C ILE A 93 -6.12 -1.11 16.46
N CYS A 94 -5.36 -0.28 17.19
CA CYS A 94 -4.64 -0.82 18.38
C CYS A 94 -5.67 -1.29 19.41
N ASN A 95 -6.77 -0.54 19.56
CA ASN A 95 -7.77 -0.99 20.54
C ASN A 95 -8.34 -2.34 20.20
N ASP A 96 -8.52 -2.58 18.91
CA ASP A 96 -8.95 -3.92 18.49
C ASP A 96 -8.01 -5.02 18.86
N VAL A 97 -6.74 -4.82 18.51
CA VAL A 97 -5.71 -5.80 18.84
C VAL A 97 -5.52 -6.03 20.31
N LEU A 98 -5.53 -4.94 21.07
CA LEU A 98 -5.33 -5.05 22.50
C LEU A 98 -6.53 -5.79 23.13
N SER A 99 -7.72 -5.53 22.63
CA SER A 99 -8.89 -6.30 23.05
C SER A 99 -8.76 -7.82 22.76
N LEU A 100 -8.27 -8.16 21.55
CA LEU A 100 -8.06 -9.58 21.25
C LEU A 100 -7.03 -10.17 22.24
N LEU A 101 -5.96 -9.46 22.50
CA LEU A 101 -4.91 -10.01 23.35
C LEU A 101 -5.43 -10.23 24.78
N GLU A 102 -6.19 -9.27 25.26
CA GLU A 102 -6.72 -9.30 26.61
C GLU A 102 -7.80 -10.35 26.80
N LYS A 103 -8.65 -10.51 25.80
CA LYS A 103 -9.77 -11.46 25.92
C LYS A 103 -9.44 -12.84 25.59
N PHE A 104 -8.52 -13.05 24.65
CA PHE A 104 -8.33 -14.40 24.11
C PHE A 104 -6.89 -14.84 24.17
N LEU A 105 -6.02 -14.06 23.58
CA LEU A 105 -4.66 -14.55 23.32
C LEU A 105 -3.89 -14.75 24.65
N ILE A 106 -3.75 -13.72 25.44
CA ILE A 106 -2.99 -13.82 26.70
C ILE A 106 -3.57 -14.85 27.68
N PRO A 107 -4.88 -14.75 28.02
CA PRO A 107 -5.42 -15.76 28.94
C PRO A 107 -5.46 -17.22 28.46
N ASN A 108 -5.54 -17.53 27.17
CA ASN A 108 -5.46 -18.95 26.75
C ASN A 108 -4.04 -19.46 26.48
N ALA A 109 -3.04 -18.61 26.59
CA ALA A 109 -1.67 -19.00 26.26
C ALA A 109 -1.16 -20.00 27.28
N SER A 110 -0.86 -21.19 26.82
CA SER A 110 -0.53 -22.25 27.74
C SER A 110 0.96 -22.57 27.78
N GLN A 111 1.77 -21.92 26.92
CA GLN A 111 3.22 -22.18 26.84
C GLN A 111 4.01 -20.86 26.98
N ALA A 112 5.23 -20.92 27.53
CA ALA A 112 5.98 -19.66 27.81
C ALA A 112 6.13 -18.87 26.53
N GLU A 113 6.44 -19.57 25.44
CA GLU A 113 6.80 -18.93 24.19
C GLU A 113 5.61 -18.09 23.72
N SER A 114 4.44 -18.68 23.75
CA SER A 114 3.21 -17.94 23.39
C SER A 114 2.98 -16.74 24.27
N LYS A 115 3.09 -16.95 25.60
CA LYS A 115 2.86 -15.86 26.57
C LYS A 115 3.78 -14.70 26.25
N VAL A 116 5.02 -14.99 25.94
CA VAL A 116 5.98 -13.89 25.67
C VAL A 116 5.60 -13.17 24.40
N PHE A 117 5.19 -13.95 23.42
CA PHE A 117 4.88 -13.37 22.10
C PHE A 117 3.72 -12.45 22.26
N TYR A 118 2.68 -12.88 22.97
CA TYR A 118 1.52 -11.94 23.12
C TYR A 118 1.73 -10.78 24.08
N LEU A 119 2.51 -10.95 25.15
CA LEU A 119 2.85 -9.81 25.95
C LEU A 119 3.71 -8.81 25.21
N LYS A 120 4.64 -9.29 24.38
CA LYS A 120 5.39 -8.34 23.53
C LYS A 120 4.44 -7.58 22.59
N MET A 121 3.49 -8.31 21.98
CA MET A 121 2.58 -7.67 21.10
C MET A 121 1.76 -6.66 21.88
N LYS A 122 1.41 -7.01 23.12
CA LYS A 122 0.70 -6.02 23.98
C LYS A 122 1.54 -4.81 24.22
N GLY A 123 2.83 -5.03 24.51
CA GLY A 123 3.69 -3.86 24.62
C GLY A 123 3.80 -2.99 23.34
N ASP A 124 3.94 -3.67 22.18
CA ASP A 124 4.02 -2.99 20.89
C ASP A 124 2.80 -2.11 20.67
N TYR A 125 1.59 -2.66 20.85
CA TYR A 125 0.41 -1.86 20.49
C TYR A 125 0.09 -0.73 21.46
N TYR A 126 0.36 -0.92 22.74
CA TYR A 126 0.41 0.23 23.69
C TYR A 126 1.46 1.27 23.33
N ARG A 127 2.60 0.81 22.87
CA ARG A 127 3.65 1.74 22.40
C ARG A 127 3.11 2.55 21.23
N TYR A 128 2.39 1.90 20.32
CA TYR A 128 1.83 2.66 19.17
C TYR A 128 0.79 3.68 19.65
N LEU A 129 0.01 3.34 20.68
CA LEU A 129 -0.96 4.25 21.25
C LEU A 129 -0.20 5.38 21.92
N ALA A 130 0.94 5.04 22.54
CA ALA A 130 1.76 6.10 23.22
C ALA A 130 2.38 7.09 22.22
N GLU A 131 2.72 6.60 21.03
CA GLU A 131 3.25 7.48 19.99
C GLU A 131 2.31 8.63 19.62
N VAL A 132 1.01 8.45 19.79
CA VAL A 132 0.02 9.44 19.41
C VAL A 132 -0.82 9.87 20.58
N ALA A 133 -0.38 9.57 21.78
CA ALA A 133 -1.04 10.05 22.95
C ALA A 133 -0.37 11.41 23.28
N ALA A 134 -1.13 12.30 23.87
CA ALA A 134 -0.52 13.53 24.41
C ALA A 134 -1.31 13.91 25.62
N GLY A 135 -0.64 14.58 26.56
CA GLY A 135 -1.30 15.04 27.76
C GLY A 135 -1.66 13.96 28.76
N ASP A 136 -2.91 13.98 29.21
CA ASP A 136 -3.29 13.29 30.44
C ASP A 136 -3.13 11.78 30.42
N ASP A 137 -3.70 11.14 29.39
CA ASP A 137 -3.76 9.70 29.33
C ASP A 137 -2.43 9.08 28.87
N LYS A 138 -1.50 9.90 28.37
CA LYS A 138 -0.27 9.34 27.85
C LYS A 138 0.50 8.58 28.91
N LYS A 139 0.53 9.09 30.15
CA LYS A 139 1.28 8.38 31.22
C LYS A 139 0.82 6.97 31.48
N GLY A 140 -0.50 6.76 31.58
CA GLY A 140 -1.06 5.45 31.80
C GLY A 140 -0.83 4.48 30.61
N ILE A 141 -0.76 5.05 29.42
CA ILE A 141 -0.56 4.22 28.23
C ILE A 141 0.93 3.77 28.20
N VAL A 142 1.82 4.70 28.47
CA VAL A 142 3.25 4.38 28.54
C VAL A 142 3.46 3.33 29.63
N ASP A 143 2.72 3.49 30.74
CA ASP A 143 2.84 2.53 31.82
C ASP A 143 2.35 1.11 31.37
N GLN A 144 1.26 1.04 30.60
CA GLN A 144 0.78 -0.29 30.23
C GLN A 144 1.79 -0.88 29.26
N SER A 145 2.34 -0.05 28.36
CA SER A 145 3.33 -0.63 27.42
C SER A 145 4.52 -1.22 28.20
N GLN A 146 5.09 -0.41 29.07
CA GLN A 146 6.21 -0.85 29.87
C GLN A 146 5.92 -2.11 30.69
N GLN A 147 4.74 -2.25 31.29
CA GLN A 147 4.46 -3.37 32.16
C GLN A 147 4.28 -4.66 31.36
N ALA A 148 3.70 -4.56 30.17
CA ALA A 148 3.61 -5.77 29.26
C ALA A 148 4.99 -6.17 28.81
N TYR A 149 5.81 -5.22 28.35
CA TYR A 149 7.18 -5.64 27.88
C TYR A 149 7.97 -6.23 29.04
N GLN A 150 7.89 -5.58 30.20
CA GLN A 150 8.65 -6.10 31.37
C GLN A 150 8.26 -7.50 31.78
N GLU A 151 6.97 -7.80 31.82
CA GLU A 151 6.57 -9.15 32.05
C GLU A 151 7.11 -10.16 31.00
N ALA A 152 6.96 -9.82 29.73
CA ALA A 152 7.50 -10.66 28.64
C ALA A 152 9.01 -10.87 28.84
N PHE A 153 9.66 -9.81 29.31
CA PHE A 153 11.10 -9.75 29.37
C PHE A 153 11.54 -10.73 30.49
N GLU A 154 10.82 -10.69 31.61
CA GLU A 154 11.07 -11.67 32.72
C GLU A 154 10.89 -13.13 32.36
N ILE A 155 9.73 -13.42 31.76
CA ILE A 155 9.43 -14.73 31.30
C ILE A 155 10.49 -15.14 30.28
N SER A 156 10.82 -14.28 29.32
CA SER A 156 11.74 -14.74 28.27
C SER A 156 13.14 -15.03 28.82
N LYS A 157 13.63 -14.22 29.78
CA LYS A 157 14.97 -14.49 30.35
C LYS A 157 14.95 -15.79 31.16
N LYS A 158 13.82 -16.09 31.78
CA LYS A 158 13.76 -17.28 32.58
C LYS A 158 13.58 -18.53 31.70
N GLU A 159 12.86 -18.46 30.56
CA GLU A 159 12.48 -19.71 29.89
C GLU A 159 13.06 -19.96 28.49
N MET A 160 13.57 -18.92 27.85
CA MET A 160 13.95 -18.99 26.46
C MET A 160 15.44 -18.83 26.32
N GLN A 161 16.02 -19.54 25.36
CA GLN A 161 17.46 -19.37 25.04
C GLN A 161 17.72 -17.93 24.58
N PRO A 162 18.96 -17.41 24.80
CA PRO A 162 19.15 -16.02 24.44
C PRO A 162 19.16 -15.83 22.91
N THR A 163 19.15 -16.89 22.11
CA THR A 163 19.15 -16.75 20.63
C THR A 163 17.78 -16.93 20.07
N HIS A 164 16.82 -17.27 20.94
CA HIS A 164 15.44 -17.36 20.48
C HIS A 164 14.93 -16.07 19.82
N PRO A 165 14.40 -16.15 18.57
CA PRO A 165 13.94 -14.95 17.87
C PRO A 165 12.93 -14.08 18.65
N ILE A 166 12.04 -14.74 19.43
CA ILE A 166 11.06 -13.97 20.21
C ILE A 166 11.74 -13.23 21.34
N ARG A 167 12.67 -13.90 22.01
CA ARG A 167 13.44 -13.22 23.04
C ARG A 167 14.24 -12.08 22.43
N LEU A 168 14.87 -12.30 21.28
CA LEU A 168 15.61 -11.20 20.67
C LEU A 168 14.74 -10.09 20.15
N GLY A 169 13.61 -10.45 19.50
CA GLY A 169 12.69 -9.44 19.02
C GLY A 169 12.12 -8.63 20.17
N LEU A 170 11.80 -9.30 21.28
CA LEU A 170 11.36 -8.52 22.43
C LEU A 170 12.45 -7.51 22.85
N ALA A 171 13.73 -7.95 22.95
CA ALA A 171 14.78 -7.01 23.37
C ALA A 171 14.83 -5.83 22.41
N LEU A 172 14.76 -6.11 21.07
CA LEU A 172 14.81 -5.05 20.05
C LEU A 172 13.67 -4.04 20.33
N ASN A 173 12.43 -4.51 20.43
CA ASN A 173 11.35 -3.56 20.57
C ASN A 173 11.29 -2.84 21.97
N PHE A 174 11.64 -3.57 23.01
CA PHE A 174 11.65 -2.94 24.37
C PHE A 174 12.74 -1.91 24.40
N SER A 175 13.91 -2.17 23.83
CA SER A 175 14.92 -1.11 23.79
C SER A 175 14.49 0.10 22.98
N VAL A 176 13.76 -0.10 21.86
CA VAL A 176 13.22 1.02 21.17
C VAL A 176 12.21 1.79 22.03
N PHE A 177 11.38 1.05 22.76
CA PHE A 177 10.43 1.69 23.65
C PHE A 177 11.22 2.67 24.65
N TYR A 178 12.33 2.20 25.22
CA TYR A 178 13.17 3.06 26.12
C TYR A 178 13.73 4.25 25.39
N TYR A 179 14.16 4.01 24.15
CA TYR A 179 14.76 5.10 23.37
C TYR A 179 13.73 6.15 22.97
N GLU A 180 12.58 5.73 22.44
CA GLU A 180 11.69 6.67 21.79
C GLU A 180 10.60 7.10 22.67
N ILE A 181 10.11 6.22 23.52
CA ILE A 181 8.92 6.57 24.32
C ILE A 181 9.42 7.14 25.67
N LEU A 182 10.41 6.52 26.28
CA LEU A 182 10.91 6.97 27.60
C LEU A 182 12.10 7.93 27.48
N ASN A 183 12.52 8.23 26.26
CA ASN A 183 13.65 9.14 26.03
C ASN A 183 14.84 8.77 26.93
N SER A 184 15.15 7.46 26.99
CA SER A 184 16.20 6.90 27.80
C SER A 184 17.22 6.12 26.97
N PRO A 185 18.08 6.84 26.23
CA PRO A 185 19.05 6.15 25.32
C PRO A 185 20.05 5.28 26.02
N GLU A 186 20.49 5.62 27.26
CA GLU A 186 21.44 4.69 27.89
C GLU A 186 20.80 3.41 28.24
N LYS A 187 19.57 3.50 28.71
CA LYS A 187 18.89 2.30 29.05
C LYS A 187 18.58 1.45 27.78
N ALA A 188 18.23 2.13 26.68
CA ALA A 188 17.93 1.45 25.42
C ALA A 188 19.17 0.78 24.85
N CYS A 189 20.31 1.45 24.99
CA CYS A 189 21.57 0.92 24.50
C CYS A 189 22.04 -0.26 25.35
N SER A 190 21.80 -0.18 26.65
CA SER A 190 22.18 -1.24 27.58
C SER A 190 21.38 -2.52 27.29
N LEU A 191 20.07 -2.38 27.19
CA LEU A 191 19.20 -3.53 26.91
C LEU A 191 19.61 -4.20 25.57
N ALA A 192 19.81 -3.39 24.52
CA ALA A 192 20.13 -3.96 23.18
C ALA A 192 21.50 -4.63 23.20
N LYS A 193 22.50 -3.98 23.82
CA LYS A 193 23.86 -4.56 23.87
C LYS A 193 23.87 -5.83 24.71
N THR A 194 23.22 -5.80 25.88
CA THR A 194 23.17 -7.07 26.58
C THR A 194 22.47 -8.23 25.85
N ALA A 195 21.42 -7.92 25.05
CA ALA A 195 20.77 -9.04 24.33
C ALA A 195 21.70 -9.55 23.25
N PHE A 196 22.33 -8.65 22.55
CA PHE A 196 23.30 -9.05 21.53
C PHE A 196 24.39 -9.92 22.13
N ASP A 197 24.98 -9.44 23.23
CA ASP A 197 26.10 -10.16 23.88
C ASP A 197 25.71 -11.51 24.42
N GLU A 198 24.52 -11.63 25.02
CA GLU A 198 24.07 -12.93 25.48
C GLU A 198 23.85 -13.90 24.40
N ALA A 199 23.36 -13.40 23.25
CA ALA A 199 23.16 -14.34 22.09
C ALA A 199 24.51 -14.82 21.49
N ILE A 200 25.46 -13.90 21.29
CA ILE A 200 26.87 -14.23 20.87
C ILE A 200 27.47 -15.35 21.75
N ALA A 201 27.27 -15.22 23.06
CA ALA A 201 27.81 -16.19 24.02
C ALA A 201 27.24 -17.59 23.87
N GLU A 202 26.09 -17.75 23.19
CA GLU A 202 25.43 -19.05 23.18
C GLU A 202 24.95 -19.45 21.81
N LEU A 203 25.84 -19.29 20.85
CA LEU A 203 25.48 -19.57 19.45
C LEU A 203 25.12 -21.05 19.15
N ASP A 204 25.60 -21.94 20.01
CA ASP A 204 25.26 -23.35 20.01
C ASP A 204 23.78 -23.63 20.30
N THR A 205 23.04 -22.61 20.76
CA THR A 205 21.58 -22.75 20.98
C THR A 205 20.75 -22.39 19.75
N LEU A 206 21.40 -21.83 18.72
CA LEU A 206 20.73 -21.62 17.41
C LEU A 206 20.22 -22.95 16.91
N SER A 207 19.09 -22.96 16.22
CA SER A 207 18.67 -24.19 15.53
C SER A 207 18.52 -23.98 14.03
N GLU A 208 18.61 -25.08 13.30
CA GLU A 208 18.43 -25.09 11.86
C GLU A 208 17.18 -24.28 11.47
N GLU A 209 16.09 -24.51 12.21
CA GLU A 209 14.78 -23.95 11.90
C GLU A 209 14.69 -22.39 11.99
N SER A 210 15.47 -21.77 12.87
CA SER A 210 15.18 -20.36 13.18
C SER A 210 16.43 -19.49 13.20
N TYR A 211 17.57 -20.05 12.80
CA TYR A 211 18.82 -19.30 12.92
C TYR A 211 18.81 -18.08 12.04
N LYS A 212 18.14 -18.18 10.90
CA LYS A 212 18.04 -17.03 10.02
C LYS A 212 17.30 -15.86 10.65
N ASP A 213 16.19 -16.13 11.38
CA ASP A 213 15.44 -15.09 12.07
C ASP A 213 16.35 -14.59 13.20
N SER A 214 17.02 -15.49 13.91
CA SER A 214 17.88 -15.03 15.05
C SER A 214 19.02 -14.14 14.63
N THR A 215 19.73 -14.55 13.60
CA THR A 215 20.90 -13.77 13.18
C THR A 215 20.45 -12.50 12.55
N LEU A 216 19.27 -12.50 11.89
CA LEU A 216 18.83 -11.21 11.39
C LEU A 216 18.54 -10.24 12.57
N ILE A 217 17.81 -10.70 13.59
CA ILE A 217 17.49 -9.76 14.68
C ILE A 217 18.76 -9.30 15.40
N MET A 218 19.74 -10.18 15.55
CA MET A 218 20.99 -9.75 16.16
C MET A 218 21.49 -8.62 15.35
N GLN A 219 21.44 -8.73 14.01
CA GLN A 219 21.99 -7.61 13.23
C GLN A 219 21.24 -6.33 13.38
N LEU A 220 19.94 -6.44 13.57
CA LEU A 220 19.13 -5.21 13.78
C LEU A 220 19.39 -4.59 15.12
N LEU A 221 19.57 -5.41 16.15
CA LEU A 221 19.91 -4.86 17.47
C LEU A 221 21.22 -4.07 17.37
N ARG A 222 22.20 -4.67 16.70
CA ARG A 222 23.48 -3.96 16.58
C ARG A 222 23.37 -2.72 15.71
N ASP A 223 22.50 -2.75 14.70
CA ASP A 223 22.27 -1.53 13.87
C ASP A 223 21.64 -0.42 14.69
N ASN A 224 20.72 -0.77 15.60
CA ASN A 224 20.16 0.25 16.45
C ASN A 224 21.26 0.80 17.38
N LEU A 225 22.07 -0.09 17.92
CA LEU A 225 23.17 0.36 18.82
C LEU A 225 24.09 1.32 18.10
N THR A 226 24.41 0.99 16.86
CA THR A 226 25.33 1.83 16.07
C THR A 226 24.66 3.17 15.72
N LEU A 227 23.37 3.13 15.37
CA LEU A 227 22.63 4.37 15.11
C LEU A 227 22.61 5.25 16.35
N TRP A 228 22.36 4.64 17.51
CA TRP A 228 22.23 5.36 18.77
C TRP A 228 23.56 5.78 19.44
N THR A 229 24.68 5.06 19.19
CA THR A 229 25.97 5.48 19.76
C THR A 229 26.46 6.71 19.02
N SER A 230 26.51 6.59 17.69
CA SER A 230 27.34 7.40 16.77
C SER A 230 27.36 8.90 16.98
N MET B 1 -15.09 23.51 3.00
CA MET B 1 -14.33 22.80 1.93
C MET B 1 -14.61 23.42 0.53
N ASP B 2 -13.69 24.27 0.05
CA ASP B 2 -13.78 24.88 -1.29
C ASP B 2 -12.69 24.28 -2.20
N LYS B 3 -12.69 24.63 -3.48
CA LYS B 3 -11.95 23.84 -4.45
C LYS B 3 -10.48 23.79 -4.10
N ASN B 4 -9.87 24.94 -3.84
CA ASN B 4 -8.43 24.93 -3.55
C ASN B 4 -8.02 24.16 -2.33
N GLU B 5 -8.87 24.18 -1.33
CA GLU B 5 -8.66 23.44 -0.12
C GLU B 5 -8.76 21.92 -0.36
N LEU B 6 -9.75 21.50 -1.17
CA LEU B 6 -9.83 20.06 -1.53
C LEU B 6 -8.59 19.58 -2.24
N VAL B 7 -8.07 20.42 -3.11
CA VAL B 7 -6.84 20.12 -3.82
C VAL B 7 -5.64 19.99 -2.89
N GLN B 8 -5.52 20.90 -1.91
CA GLN B 8 -4.44 20.75 -0.90
C GLN B 8 -4.63 19.49 -0.08
N LYS B 9 -5.87 19.14 0.27
CA LYS B 9 -6.09 17.90 1.05
C LYS B 9 -5.69 16.72 0.14
N ALA B 10 -5.98 16.83 -1.16
CA ALA B 10 -5.62 15.73 -2.09
C ALA B 10 -4.11 15.56 -2.11
N LYS B 11 -3.39 16.66 -2.14
CA LYS B 11 -1.93 16.57 -2.16
C LYS B 11 -1.41 16.00 -0.83
N LEU B 12 -2.07 16.33 0.27
CA LEU B 12 -1.64 15.76 1.56
C LEU B 12 -1.87 14.27 1.58
N ALA B 13 -3.05 13.83 1.10
CA ALA B 13 -3.39 12.43 1.05
C ALA B 13 -2.36 11.67 0.20
N GLU B 14 -1.89 12.33 -0.84
CA GLU B 14 -0.93 11.67 -1.75
C GLU B 14 0.39 11.43 -1.02
N GLN B 15 0.88 12.45 -0.34
CA GLN B 15 2.14 12.25 0.41
C GLN B 15 1.97 11.19 1.49
N ALA B 16 0.80 11.14 2.14
CA ALA B 16 0.46 10.08 3.11
C ALA B 16 0.19 8.70 2.50
N GLU B 17 0.18 8.61 1.17
CA GLU B 17 -0.21 7.37 0.44
C GLU B 17 -1.58 6.88 0.81
N ARG B 18 -2.50 7.79 1.05
CA ARG B 18 -3.90 7.46 1.32
C ARG B 18 -4.73 7.74 0.06
N TYR B 19 -4.72 6.82 -0.88
CA TYR B 19 -5.22 7.16 -2.25
C TYR B 19 -6.75 7.16 -2.31
N ASP B 20 -7.38 6.41 -1.41
CA ASP B 20 -8.83 6.48 -1.25
C ASP B 20 -9.25 7.92 -0.94
N ASP B 21 -8.63 8.51 0.08
CA ASP B 21 -8.90 9.91 0.44
C ASP B 21 -8.54 10.84 -0.72
N MET B 22 -7.41 10.60 -1.37
CA MET B 22 -7.01 11.45 -2.49
C MET B 22 -8.08 11.45 -3.62
N ALA B 23 -8.59 10.26 -3.92
CA ALA B 23 -9.60 10.12 -4.96
C ALA B 23 -10.92 10.81 -4.57
N ALA B 24 -11.28 10.70 -3.32
CA ALA B 24 -12.51 11.33 -2.82
C ALA B 24 -12.43 12.86 -2.92
N CYS B 25 -11.25 13.44 -2.60
CA CYS B 25 -11.07 14.89 -2.74
C CYS B 25 -11.16 15.30 -4.23
N MET B 26 -10.52 14.54 -5.10
CA MET B 26 -10.49 14.94 -6.53
C MET B 26 -11.89 14.71 -7.16
N LYS B 27 -12.57 13.68 -6.71
CA LYS B 27 -13.97 13.45 -7.17
C LYS B 27 -14.79 14.67 -6.76
N SER B 28 -14.62 15.17 -5.52
CA SER B 28 -15.37 16.36 -5.10
C SER B 28 -15.07 17.59 -5.91
N VAL B 29 -13.78 17.81 -6.23
CA VAL B 29 -13.35 18.88 -7.10
C VAL B 29 -14.01 18.75 -8.50
N THR B 30 -13.95 17.57 -9.09
CA THR B 30 -14.59 17.37 -10.41
C THR B 30 -16.09 17.72 -10.39
N GLU B 31 -16.76 17.26 -9.35
CA GLU B 31 -18.24 17.45 -9.20
C GLU B 31 -18.68 18.92 -9.00
N GLN B 32 -17.74 19.80 -8.71
CA GLN B 32 -18.08 21.22 -8.64
C GLN B 32 -18.31 21.81 -10.05
N GLY B 33 -17.87 21.12 -11.09
CA GLY B 33 -18.32 21.40 -12.42
C GLY B 33 -17.44 22.29 -13.28
N ALA B 34 -16.43 22.89 -12.68
CA ALA B 34 -15.52 23.70 -13.48
C ALA B 34 -14.50 22.81 -14.16
N GLU B 35 -14.00 23.26 -15.32
CA GLU B 35 -12.90 22.57 -15.98
C GLU B 35 -11.71 22.47 -14.99
N LEU B 36 -10.95 21.38 -15.04
CA LEU B 36 -9.80 21.17 -14.12
C LEU B 36 -8.56 21.79 -14.67
N SER B 37 -7.65 22.23 -13.78
CA SER B 37 -6.32 22.71 -14.24
C SER B 37 -5.51 21.50 -14.60
N ASN B 38 -4.32 21.68 -15.20
CA ASN B 38 -3.42 20.57 -15.42
C ASN B 38 -3.10 19.85 -14.11
N GLU B 39 -2.90 20.62 -13.05
CA GLU B 39 -2.52 19.99 -11.80
C GLU B 39 -3.66 19.14 -11.26
N GLU B 40 -4.89 19.67 -11.34
CA GLU B 40 -6.04 18.92 -10.85
C GLU B 40 -6.21 17.62 -11.62
N ARG B 41 -6.11 17.68 -12.95
CA ARG B 41 -6.36 16.47 -13.69
C ARG B 41 -5.34 15.50 -13.31
N ASN B 42 -4.05 15.91 -13.22
CA ASN B 42 -2.97 14.95 -12.89
C ASN B 42 -3.22 14.22 -11.53
N LEU B 43 -3.66 14.99 -10.56
CA LEU B 43 -3.92 14.46 -9.25
C LEU B 43 -5.12 13.48 -9.31
N LEU B 44 -6.14 13.82 -10.10
CA LEU B 44 -7.27 12.88 -10.31
C LEU B 44 -6.80 11.58 -10.91
N SER B 45 -5.96 11.70 -11.94
CA SER B 45 -5.47 10.52 -12.63
C SER B 45 -4.61 9.66 -11.70
N VAL B 46 -3.71 10.29 -10.90
CA VAL B 46 -2.85 9.47 -10.02
C VAL B 46 -3.67 8.77 -8.94
N ALA B 47 -4.60 9.53 -8.37
CA ALA B 47 -5.45 9.01 -7.28
C ALA B 47 -6.20 7.76 -7.80
N TYR B 48 -6.95 7.89 -8.88
CA TYR B 48 -7.73 6.74 -9.29
C TYR B 48 -6.89 5.63 -9.88
N LYS B 49 -5.79 5.96 -10.51
CA LYS B 49 -4.87 4.86 -10.93
C LYS B 49 -4.42 3.99 -9.74
N ASN B 50 -4.06 4.60 -8.60
CA ASN B 50 -3.69 3.81 -7.38
C ASN B 50 -4.81 3.01 -6.80
N VAL B 51 -6.02 3.60 -6.80
CA VAL B 51 -7.17 2.90 -6.24
C VAL B 51 -7.47 1.65 -7.13
N VAL B 52 -7.62 1.87 -8.43
CA VAL B 52 -7.94 0.72 -9.31
C VAL B 52 -6.75 -0.27 -9.38
N GLY B 53 -5.53 0.27 -9.40
CA GLY B 53 -4.35 -0.57 -9.66
C GLY B 53 -4.08 -1.55 -8.55
N ALA B 54 -4.38 -1.17 -7.30
CA ALA B 54 -4.38 -2.15 -6.19
C ALA B 54 -5.29 -3.33 -6.49
N ARG B 55 -6.51 -3.05 -6.98
CA ARG B 55 -7.40 -4.19 -7.27
C ARG B 55 -6.95 -4.99 -8.50
N ARG B 56 -6.38 -4.31 -9.48
CA ARG B 56 -5.87 -5.05 -10.66
C ARG B 56 -4.79 -6.02 -10.24
N SER B 57 -3.94 -5.53 -9.33
CA SER B 57 -2.82 -6.34 -8.83
C SER B 57 -3.33 -7.55 -8.03
N SER B 58 -4.32 -7.33 -7.15
CA SER B 58 -4.84 -8.41 -6.38
C SER B 58 -5.54 -9.42 -7.30
N TRP B 59 -6.27 -8.91 -8.29
CA TRP B 59 -7.05 -9.76 -9.18
C TRP B 59 -6.13 -10.77 -9.90
N ARG B 60 -5.02 -10.27 -10.42
CA ARG B 60 -4.02 -11.08 -11.09
C ARG B 60 -3.51 -12.22 -10.21
N VAL B 61 -3.17 -11.92 -8.95
CA VAL B 61 -2.72 -12.96 -8.02
C VAL B 61 -3.80 -13.97 -7.71
N VAL B 62 -5.02 -13.53 -7.37
CA VAL B 62 -6.08 -14.44 -6.99
C VAL B 62 -6.53 -15.29 -8.25
N SER B 63 -6.62 -14.67 -9.43
CA SER B 63 -7.08 -15.47 -10.58
C SER B 63 -6.07 -16.58 -10.94
N SER B 64 -4.78 -16.22 -10.90
CA SER B 64 -3.68 -17.16 -11.02
C SER B 64 -3.80 -18.34 -10.02
N ILE B 65 -4.19 -18.04 -8.78
CA ILE B 65 -4.27 -19.10 -7.77
C ILE B 65 -5.47 -19.99 -8.05
N GLU B 66 -6.56 -19.35 -8.45
CA GLU B 66 -7.74 -20.01 -8.93
C GLU B 66 -7.42 -21.07 -9.99
N GLN B 67 -6.53 -20.72 -10.93
CA GLN B 67 -6.13 -21.63 -12.01
C GLN B 67 -5.31 -22.85 -11.55
N LYS B 68 -4.47 -22.71 -10.54
CA LYS B 68 -3.66 -23.82 -10.07
C LYS B 68 -4.38 -24.66 -9.03
N THR B 69 -5.67 -24.44 -8.84
CA THR B 69 -6.39 -25.21 -7.82
C THR B 69 -7.48 -26.17 -8.42
N GLU B 70 -7.39 -26.38 -9.73
CA GLU B 70 -8.06 -27.52 -10.40
C GLU B 70 -7.96 -28.80 -9.57
N GLY B 71 -9.11 -29.39 -9.22
CA GLY B 71 -9.13 -30.64 -8.41
C GLY B 71 -9.17 -30.46 -6.89
N ALA B 72 -8.98 -29.21 -6.42
CA ALA B 72 -9.07 -28.89 -4.97
C ALA B 72 -10.28 -28.00 -4.80
N GLU B 73 -11.44 -28.60 -4.64
CA GLU B 73 -12.65 -27.85 -4.96
C GLU B 73 -12.97 -26.79 -3.90
N LYS B 74 -12.72 -27.06 -2.62
CA LYS B 74 -12.99 -26.04 -1.61
C LYS B 74 -12.02 -24.83 -1.82
N LYS B 75 -10.76 -25.13 -2.11
CA LYS B 75 -9.73 -24.11 -2.34
C LYS B 75 -10.08 -23.29 -3.58
N GLN B 76 -10.40 -23.99 -4.68
CA GLN B 76 -10.82 -23.31 -5.91
C GLN B 76 -12.05 -22.47 -5.70
N GLN B 77 -13.07 -23.00 -5.04
CA GLN B 77 -14.29 -22.23 -4.87
C GLN B 77 -13.99 -20.95 -4.04
N MET B 78 -13.10 -21.06 -3.06
CA MET B 78 -12.79 -19.89 -2.25
C MET B 78 -12.03 -18.83 -3.09
N ALA B 79 -11.06 -19.24 -3.88
CA ALA B 79 -10.30 -18.28 -4.63
C ALA B 79 -11.21 -17.64 -5.70
N ARG B 80 -12.10 -18.45 -6.29
CA ARG B 80 -13.11 -17.93 -7.23
C ARG B 80 -13.95 -16.84 -6.61
N GLU B 81 -14.59 -17.13 -5.49
CA GLU B 81 -15.42 -16.16 -4.82
C GLU B 81 -14.64 -14.89 -4.40
N TYR B 82 -13.38 -15.08 -4.01
CA TYR B 82 -12.56 -13.91 -3.69
C TYR B 82 -12.22 -13.08 -4.94
N ARG B 83 -11.85 -13.76 -6.05
CA ARG B 83 -11.62 -13.09 -7.34
C ARG B 83 -12.87 -12.28 -7.73
N GLU B 84 -14.06 -12.84 -7.56
CA GLU B 84 -15.29 -12.13 -7.90
C GLU B 84 -15.58 -10.93 -7.01
N LYS B 85 -15.28 -11.02 -5.72
CA LYS B 85 -15.42 -9.86 -4.84
C LYS B 85 -14.44 -8.78 -5.34
N ILE B 86 -13.22 -9.19 -5.62
CA ILE B 86 -12.25 -8.18 -6.09
C ILE B 86 -12.72 -7.54 -7.39
N GLU B 87 -13.23 -8.39 -8.27
CA GLU B 87 -13.74 -7.99 -9.57
C GLU B 87 -14.88 -7.00 -9.42
N THR B 88 -15.73 -7.18 -8.41
CA THR B 88 -16.80 -6.21 -8.27
C THR B 88 -16.34 -4.85 -7.74
N GLU B 89 -15.39 -4.86 -6.78
CA GLU B 89 -14.67 -3.64 -6.42
C GLU B 89 -14.05 -2.90 -7.62
N LEU B 90 -13.31 -3.62 -8.45
CA LEU B 90 -12.59 -3.00 -9.55
C LEU B 90 -13.63 -2.38 -10.53
N ARG B 91 -14.71 -3.13 -10.79
CA ARG B 91 -15.73 -2.63 -11.69
C ARG B 91 -16.41 -1.34 -11.17
N ASP B 92 -16.67 -1.32 -9.86
CA ASP B 92 -17.27 -0.16 -9.22
C ASP B 92 -16.36 1.05 -9.37
N ILE B 93 -15.06 0.81 -9.20
CA ILE B 93 -14.11 1.91 -9.35
C ILE B 93 -14.09 2.40 -10.79
N CYS B 94 -13.98 1.48 -11.75
CA CYS B 94 -13.95 1.93 -13.16
C CYS B 94 -15.23 2.68 -13.48
N ASN B 95 -16.36 2.18 -12.98
CA ASN B 95 -17.63 2.84 -13.31
C ASN B 95 -17.77 4.20 -12.72
N ASP B 96 -17.16 4.42 -11.55
CA ASP B 96 -17.11 5.74 -10.92
C ASP B 96 -16.37 6.72 -11.80
N VAL B 97 -15.16 6.32 -12.27
CA VAL B 97 -14.33 7.17 -13.06
C VAL B 97 -15.02 7.49 -14.41
N LEU B 98 -15.51 6.46 -15.06
CA LEU B 98 -16.17 6.60 -16.37
C LEU B 98 -17.37 7.50 -16.31
N SER B 99 -18.11 7.43 -15.21
CA SER B 99 -19.25 8.36 -14.94
C SER B 99 -18.80 9.82 -14.82
N LEU B 100 -17.69 10.03 -14.10
CA LEU B 100 -17.16 11.37 -13.94
C LEU B 100 -16.74 11.91 -15.30
N LEU B 101 -16.05 11.07 -16.05
CA LEU B 101 -15.54 11.48 -17.35
C LEU B 101 -16.75 11.84 -18.30
N GLU B 102 -17.80 11.03 -18.30
CA GLU B 102 -18.93 11.29 -19.20
C GLU B 102 -19.71 12.49 -18.75
N LYS B 103 -19.96 12.60 -17.45
CA LYS B 103 -20.82 13.71 -16.95
C LYS B 103 -20.08 15.05 -16.94
N PHE B 104 -18.85 15.08 -16.44
CA PHE B 104 -18.19 16.38 -16.21
C PHE B 104 -17.01 16.68 -17.12
N LEU B 105 -16.11 15.74 -17.23
CA LEU B 105 -14.80 16.06 -17.80
C LEU B 105 -14.81 16.16 -19.32
N ILE B 106 -15.30 15.13 -19.99
CA ILE B 106 -15.27 15.11 -21.48
C ILE B 106 -16.15 16.25 -22.05
N PRO B 107 -17.43 16.37 -21.61
CA PRO B 107 -18.24 17.38 -22.26
C PRO B 107 -17.76 18.80 -22.05
N ASN B 108 -17.11 19.08 -20.91
CA ASN B 108 -16.59 20.38 -20.60
C ASN B 108 -15.19 20.69 -21.12
N ALA B 109 -14.51 19.74 -21.76
CA ALA B 109 -13.11 19.98 -22.08
C ALA B 109 -13.05 20.93 -23.30
N SER B 110 -12.47 22.11 -23.12
CA SER B 110 -12.53 23.15 -24.14
C SER B 110 -11.28 23.16 -24.99
N GLN B 111 -10.19 22.60 -24.47
CA GLN B 111 -8.93 22.55 -25.19
C GLN B 111 -8.66 21.14 -25.69
N ALA B 112 -7.92 21.03 -26.77
CA ALA B 112 -7.69 19.73 -27.38
C ALA B 112 -6.89 18.83 -26.44
N GLU B 113 -5.96 19.44 -25.71
CA GLU B 113 -5.09 18.70 -24.81
C GLU B 113 -5.92 17.94 -23.72
N SER B 114 -6.86 18.64 -23.08
CA SER B 114 -7.75 18.09 -22.05
C SER B 114 -8.66 17.03 -22.65
N LYS B 115 -9.24 17.38 -23.80
CA LYS B 115 -10.02 16.42 -24.58
C LYS B 115 -9.30 15.10 -24.77
N VAL B 116 -8.04 15.16 -25.20
CA VAL B 116 -7.28 13.91 -25.38
C VAL B 116 -6.97 13.22 -24.04
N PHE B 117 -6.67 14.01 -23.04
CA PHE B 117 -6.33 13.44 -21.71
C PHE B 117 -7.52 12.62 -21.24
N TYR B 118 -8.72 13.20 -21.29
CA TYR B 118 -9.91 12.49 -20.75
C TYR B 118 -10.36 11.32 -21.63
N LEU B 119 -10.26 11.48 -22.96
CA LEU B 119 -10.58 10.35 -23.88
C LEU B 119 -9.62 9.19 -23.65
N LYS B 120 -8.34 9.52 -23.39
CA LYS B 120 -7.35 8.44 -23.08
C LYS B 120 -7.74 7.74 -21.77
N MET B 121 -8.09 8.52 -20.76
CA MET B 121 -8.51 7.96 -19.49
C MET B 121 -9.78 7.06 -19.70
N LYS B 122 -10.73 7.55 -20.52
CA LYS B 122 -11.88 6.70 -20.86
C LYS B 122 -11.45 5.40 -21.46
N GLY B 123 -10.52 5.51 -22.42
CA GLY B 123 -10.00 4.31 -23.03
C GLY B 123 -9.35 3.39 -22.00
N ASP B 124 -8.58 3.96 -21.06
CA ASP B 124 -7.86 3.10 -20.06
C ASP B 124 -8.86 2.36 -19.12
N TYR B 125 -9.86 3.10 -18.60
CA TYR B 125 -10.79 2.48 -17.63
C TYR B 125 -11.68 1.41 -18.30
N TYR B 126 -12.12 1.67 -19.53
CA TYR B 126 -12.75 0.52 -20.28
C TYR B 126 -11.83 -0.63 -20.54
N ARG B 127 -10.56 -0.34 -20.81
CA ARG B 127 -9.55 -1.38 -20.95
C ARG B 127 -9.44 -2.25 -19.66
N TYR B 128 -9.50 -1.62 -18.49
CA TYR B 128 -9.44 -2.41 -17.24
C TYR B 128 -10.68 -3.23 -17.06
N LEU B 129 -11.84 -2.70 -17.46
CA LEU B 129 -13.04 -3.48 -17.39
C LEU B 129 -12.93 -4.66 -18.35
N ALA B 130 -12.33 -4.43 -19.52
CA ALA B 130 -12.16 -5.52 -20.52
C ALA B 130 -11.28 -6.66 -20.00
N GLU B 131 -10.22 -6.33 -19.25
CA GLU B 131 -9.36 -7.36 -18.58
C GLU B 131 -10.17 -8.38 -17.73
N VAL B 132 -11.27 -7.88 -17.18
CA VAL B 132 -12.09 -8.68 -16.26
C VAL B 132 -13.48 -9.00 -16.79
N ALA B 133 -13.69 -8.82 -18.10
CA ALA B 133 -15.00 -9.14 -18.69
C ALA B 133 -14.96 -10.52 -19.39
N ALA B 134 -16.15 -11.07 -19.67
CA ALA B 134 -16.34 -12.22 -20.59
C ALA B 134 -17.47 -11.94 -21.59
N GLY B 135 -17.46 -12.65 -22.73
CA GLY B 135 -18.64 -12.76 -23.60
C GLY B 135 -18.91 -11.67 -24.61
N ASP B 136 -20.21 -11.40 -24.82
CA ASP B 136 -20.66 -10.31 -25.71
C ASP B 136 -20.57 -9.00 -24.92
N ASP B 137 -20.67 -9.16 -23.58
CA ASP B 137 -20.26 -8.13 -22.68
C ASP B 137 -18.82 -7.61 -22.91
N LYS B 138 -17.85 -8.51 -23.01
CA LYS B 138 -16.51 -8.12 -23.33
C LYS B 138 -16.40 -7.38 -24.66
N LYS B 139 -17.10 -7.85 -25.70
CA LYS B 139 -16.89 -7.27 -27.02
C LYS B 139 -17.34 -5.83 -27.03
N GLY B 140 -18.45 -5.51 -26.36
CA GLY B 140 -18.93 -4.13 -26.23
C GLY B 140 -17.97 -3.23 -25.46
N ILE B 141 -17.47 -3.74 -24.35
CA ILE B 141 -16.48 -2.97 -23.54
C ILE B 141 -15.20 -2.75 -24.33
N VAL B 142 -14.68 -3.76 -24.99
CA VAL B 142 -13.48 -3.57 -25.86
C VAL B 142 -13.72 -2.47 -26.92
N ASP B 143 -14.93 -2.48 -27.50
CA ASP B 143 -15.28 -1.45 -28.46
C ASP B 143 -15.37 -0.07 -27.89
N GLN B 144 -15.87 0.05 -26.67
CA GLN B 144 -15.88 1.37 -26.07
C GLN B 144 -14.42 1.84 -25.79
N SER B 145 -13.59 0.94 -25.34
CA SER B 145 -12.19 1.35 -25.10
C SER B 145 -11.58 1.85 -26.44
N GLN B 146 -11.71 1.02 -27.48
CA GLN B 146 -11.10 1.29 -28.80
C GLN B 146 -11.60 2.61 -29.33
N GLN B 147 -12.89 2.88 -29.20
CA GLN B 147 -13.42 4.15 -29.69
C GLN B 147 -12.89 5.39 -29.00
N ALA B 148 -12.76 5.32 -27.67
CA ALA B 148 -12.25 6.46 -26.90
C ALA B 148 -10.80 6.69 -27.30
N TYR B 149 -10.03 5.62 -27.41
CA TYR B 149 -8.60 5.71 -27.73
C TYR B 149 -8.42 6.23 -29.13
N GLN B 150 -9.23 5.73 -30.07
CA GLN B 150 -9.15 6.21 -31.44
C GLN B 150 -9.49 7.70 -31.60
N GLU B 151 -10.55 8.17 -30.97
CA GLU B 151 -10.86 9.58 -31.05
C GLU B 151 -9.74 10.47 -30.46
N ALA B 152 -9.16 10.03 -29.33
CA ALA B 152 -8.05 10.79 -28.71
C ALA B 152 -6.86 10.79 -29.68
N PHE B 153 -6.64 9.64 -30.33
CA PHE B 153 -5.52 9.46 -31.25
C PHE B 153 -5.64 10.46 -32.42
N GLU B 154 -6.86 10.55 -32.96
CA GLU B 154 -7.11 11.46 -34.09
C GLU B 154 -6.95 12.93 -33.71
N ILE B 155 -7.51 13.38 -32.58
CA ILE B 155 -7.38 14.77 -32.13
C ILE B 155 -5.92 15.09 -31.86
N SER B 156 -5.21 14.14 -31.25
CA SER B 156 -3.83 14.46 -30.87
C SER B 156 -2.98 14.59 -32.14
N LYS B 157 -3.16 13.69 -33.11
CA LYS B 157 -2.36 13.72 -34.33
C LYS B 157 -2.58 15.04 -35.09
N LYS B 158 -3.79 15.58 -34.97
CA LYS B 158 -4.17 16.84 -35.61
C LYS B 158 -3.73 18.08 -34.84
N GLU B 159 -3.72 17.99 -33.51
CA GLU B 159 -3.72 19.16 -32.68
C GLU B 159 -2.46 19.32 -31.78
N MET B 160 -1.71 18.23 -31.60
CA MET B 160 -0.64 18.20 -30.61
C MET B 160 0.65 17.78 -31.27
N GLN B 161 1.74 18.41 -30.82
CA GLN B 161 3.03 18.08 -31.36
C GLN B 161 3.45 16.66 -30.90
N PRO B 162 4.31 16.01 -31.70
CA PRO B 162 4.75 14.63 -31.46
C PRO B 162 5.37 14.36 -30.08
N THR B 163 6.11 15.33 -29.54
CA THR B 163 6.71 15.20 -28.21
C THR B 163 5.78 15.57 -27.04
N HIS B 164 4.52 15.96 -27.32
CA HIS B 164 3.64 16.34 -26.21
C HIS B 164 3.42 15.12 -25.32
N PRO B 165 3.65 15.26 -24.00
CA PRO B 165 3.54 14.06 -23.17
C PRO B 165 2.19 13.34 -23.27
N ILE B 166 1.11 14.10 -23.48
CA ILE B 166 -0.22 13.46 -23.50
C ILE B 166 -0.36 12.63 -24.79
N ARG B 167 0.22 13.15 -25.88
CA ARG B 167 0.20 12.45 -27.12
C ARG B 167 1.03 11.18 -27.02
N LEU B 168 2.22 11.29 -26.42
CA LEU B 168 3.04 10.11 -26.24
C LEU B 168 2.38 9.09 -25.32
N GLY B 169 1.77 9.59 -24.23
CA GLY B 169 1.18 8.66 -23.24
C GLY B 169 0.00 7.94 -23.86
N LEU B 170 -0.75 8.67 -24.66
CA LEU B 170 -1.86 8.03 -25.45
C LEU B 170 -1.31 6.90 -26.36
N ALA B 171 -0.20 7.14 -27.08
CA ALA B 171 0.40 6.11 -27.90
C ALA B 171 0.83 4.94 -27.12
N LEU B 172 1.40 5.19 -25.94
CA LEU B 172 1.88 4.09 -25.19
C LEU B 172 0.72 3.18 -24.79
N ASN B 173 -0.33 3.75 -24.21
CA ASN B 173 -1.39 2.90 -23.71
C ASN B 173 -2.24 2.28 -24.88
N PHE B 174 -2.43 3.04 -25.93
CA PHE B 174 -3.25 2.49 -27.09
C PHE B 174 -2.52 1.32 -27.70
N SER B 175 -1.19 1.47 -27.78
CA SER B 175 -0.36 0.41 -28.22
C SER B 175 -0.47 -0.85 -27.32
N VAL B 176 -0.49 -0.65 -26.00
CA VAL B 176 -0.71 -1.76 -25.11
C VAL B 176 -2.13 -2.37 -25.31
N PHE B 177 -3.08 -1.50 -25.54
CA PHE B 177 -4.49 -1.99 -25.80
C PHE B 177 -4.47 -2.95 -27.03
N TYR B 178 -3.83 -2.52 -28.13
CA TYR B 178 -3.61 -3.42 -29.28
C TYR B 178 -2.94 -4.73 -28.98
N TYR B 179 -1.87 -4.73 -28.15
CA TYR B 179 -1.10 -5.89 -27.88
C TYR B 179 -1.86 -6.82 -26.99
N GLU B 180 -2.40 -6.25 -25.92
CA GLU B 180 -2.91 -7.13 -24.86
C GLU B 180 -4.43 -7.42 -24.97
N ILE B 181 -5.16 -6.44 -25.46
CA ILE B 181 -6.62 -6.58 -25.53
C ILE B 181 -7.00 -7.11 -26.95
N LEU B 182 -6.47 -6.51 -27.99
CA LEU B 182 -6.82 -6.89 -29.37
C LEU B 182 -5.96 -7.99 -29.94
N ASN B 183 -4.95 -8.39 -29.18
CA ASN B 183 -4.05 -9.43 -29.59
C ASN B 183 -3.28 -9.21 -30.87
N SER B 184 -2.86 -7.98 -31.18
CA SER B 184 -2.06 -7.78 -32.39
C SER B 184 -0.64 -7.30 -32.07
N PRO B 185 0.31 -8.21 -31.91
CA PRO B 185 1.65 -7.71 -31.62
C PRO B 185 2.11 -6.69 -32.66
N GLU B 186 1.85 -6.96 -33.95
CA GLU B 186 2.22 -6.08 -35.07
C GLU B 186 1.73 -4.61 -35.02
N LYS B 187 0.43 -4.44 -34.76
CA LYS B 187 -0.15 -3.13 -34.73
C LYS B 187 0.29 -2.30 -33.48
N ALA B 188 0.52 -3.02 -32.38
CA ALA B 188 1.01 -2.41 -31.11
C ALA B 188 2.43 -1.86 -31.39
N CYS B 189 3.26 -2.67 -32.04
CA CYS B 189 4.64 -2.28 -32.33
C CYS B 189 4.73 -1.11 -33.24
N SER B 190 3.89 -1.11 -34.27
CA SER B 190 3.87 -0.04 -35.24
C SER B 190 3.47 1.30 -34.60
N LEU B 191 2.40 1.28 -33.79
CA LEU B 191 1.94 2.49 -33.11
C LEU B 191 3.06 3.03 -32.22
N ALA B 192 3.68 2.16 -31.45
CA ALA B 192 4.74 2.56 -30.50
C ALA B 192 5.97 3.07 -31.23
N LYS B 193 6.39 2.32 -32.25
CA LYS B 193 7.55 2.74 -33.06
C LYS B 193 7.32 4.07 -33.75
N THR B 194 6.18 4.26 -34.38
CA THR B 194 6.02 5.58 -34.98
C THR B 194 5.96 6.77 -33.97
N ALA B 195 5.41 6.50 -32.78
CA ALA B 195 5.29 7.57 -31.77
C ALA B 195 6.73 7.94 -31.32
N PHE B 196 7.56 6.95 -31.14
CA PHE B 196 8.91 7.15 -30.64
C PHE B 196 9.69 7.83 -31.73
N ASP B 197 9.57 7.31 -32.97
CA ASP B 197 10.36 7.90 -34.08
C ASP B 197 10.01 9.35 -34.38
N GLU B 198 8.71 9.68 -34.37
CA GLU B 198 8.32 11.06 -34.58
C GLU B 198 8.80 12.02 -33.50
N ALA B 199 8.85 11.59 -32.25
CA ALA B 199 9.23 12.53 -31.15
C ALA B 199 10.76 12.67 -31.13
N ILE B 200 11.46 11.60 -31.39
CA ILE B 200 12.92 11.70 -31.39
C ILE B 200 13.49 12.61 -32.54
N ALA B 201 12.69 12.80 -33.58
CA ALA B 201 13.01 13.74 -34.67
C ALA B 201 12.71 15.20 -34.29
N GLU B 202 12.03 15.41 -33.17
CA GLU B 202 11.66 16.79 -32.80
C GLU B 202 12.00 17.21 -31.39
N LEU B 203 13.17 16.83 -30.88
CA LEU B 203 13.55 17.17 -29.51
C LEU B 203 13.42 18.66 -29.19
N ASP B 204 13.96 19.48 -30.09
CA ASP B 204 14.02 20.93 -29.96
C ASP B 204 12.66 21.48 -29.48
N THR B 205 11.57 20.73 -29.68
CA THR B 205 10.20 21.17 -29.24
C THR B 205 9.85 20.91 -27.77
N LEU B 206 10.78 20.28 -27.05
CA LEU B 206 10.60 20.05 -25.62
C LEU B 206 10.81 21.35 -24.88
N SER B 207 10.13 21.50 -23.75
CA SER B 207 10.31 22.69 -22.96
C SER B 207 10.82 22.21 -21.59
N GLU B 208 11.40 23.10 -20.81
CA GLU B 208 11.77 22.72 -19.45
C GLU B 208 10.58 22.08 -18.70
N GLU B 209 9.35 22.55 -18.90
CA GLU B 209 8.22 21.93 -18.21
C GLU B 209 7.82 20.52 -18.70
N SER B 210 8.13 20.18 -19.95
CA SER B 210 7.63 18.91 -20.54
C SER B 210 8.71 17.84 -20.75
N TYR B 211 9.99 18.23 -20.80
CA TYR B 211 11.04 17.26 -21.18
C TYR B 211 11.12 15.99 -20.33
N LYS B 212 10.92 16.12 -18.99
CA LYS B 212 11.03 14.96 -18.13
C LYS B 212 9.96 13.89 -18.43
N ASP B 213 8.71 14.31 -18.53
CA ASP B 213 7.66 13.38 -18.84
C ASP B 213 7.80 12.84 -20.26
N SER B 214 8.05 13.69 -21.22
CA SER B 214 8.11 13.22 -22.65
C SER B 214 9.24 12.22 -22.83
N THR B 215 10.44 12.51 -22.30
CA THR B 215 11.54 11.55 -22.45
C THR B 215 11.32 10.26 -21.67
N LEU B 216 10.68 10.31 -20.52
CA LEU B 216 10.32 9.07 -19.82
C LEU B 216 9.37 8.21 -20.64
N ILE B 217 8.34 8.82 -21.21
CA ILE B 217 7.37 8.03 -21.98
C ILE B 217 8.04 7.42 -23.22
N MET B 218 8.91 8.17 -23.86
CA MET B 218 9.68 7.67 -25.01
C MET B 218 10.42 6.43 -24.59
N GLN B 219 11.06 6.47 -23.41
CA GLN B 219 11.78 5.33 -22.95
C GLN B 219 10.88 4.11 -22.71
N LEU B 220 9.72 4.36 -22.13
CA LEU B 220 8.76 3.29 -21.94
C LEU B 220 8.22 2.75 -23.27
N LEU B 221 8.03 3.60 -24.25
CA LEU B 221 7.62 3.16 -25.61
C LEU B 221 8.66 2.20 -26.13
N ARG B 222 9.94 2.60 -26.07
CA ARG B 222 10.97 1.71 -26.62
C ARG B 222 11.13 0.45 -25.84
N ASP B 223 10.94 0.53 -24.51
CA ASP B 223 10.94 -0.65 -23.67
C ASP B 223 9.91 -1.65 -24.05
N ASN B 224 8.69 -1.20 -24.34
CA ASN B 224 7.67 -2.11 -24.80
C ASN B 224 8.10 -2.75 -26.16
N LEU B 225 8.62 -1.93 -27.08
CA LEU B 225 9.15 -2.46 -28.36
C LEU B 225 10.20 -3.51 -28.15
N THR B 226 11.09 -3.29 -27.19
CA THR B 226 12.14 -4.25 -26.88
C THR B 226 11.49 -5.53 -26.36
N LEU B 227 10.59 -5.39 -25.38
CA LEU B 227 9.84 -6.52 -24.86
C LEU B 227 9.15 -7.31 -25.96
N TRP B 228 8.38 -6.64 -26.80
CA TRP B 228 7.58 -7.35 -27.78
C TRP B 228 8.41 -7.88 -28.98
N THR B 229 9.59 -7.34 -29.24
CA THR B 229 10.56 -7.95 -30.15
C THR B 229 11.74 -8.57 -29.35
N SER B 230 11.57 -9.78 -28.81
CA SER B 230 12.62 -10.30 -27.93
C SER B 230 13.55 -11.31 -28.59
N PRO C 1 10.81 -8.29 -17.79
CA PRO C 1 10.03 -7.23 -17.15
C PRO C 1 8.54 -7.27 -17.53
N ARG C 2 7.77 -6.30 -17.05
CA ARG C 2 6.37 -6.14 -17.48
C ARG C 2 6.28 -4.99 -18.51
N ARG C 3 5.28 -5.06 -19.38
CA ARG C 3 4.99 -3.99 -20.32
C ARG C 3 4.52 -2.77 -19.55
N ASN C 4 4.75 -1.58 -20.10
CA ASN C 4 4.40 -0.35 -19.40
C ASN C 4 3.17 0.28 -19.96
N LEU C 6 0.95 4.15 -18.69
CA LEU C 6 0.90 5.29 -17.76
C LEU C 6 -0.45 5.96 -17.70
N PRO C 7 -0.94 6.30 -16.49
CA PRO C 7 -0.20 6.37 -15.23
C PRO C 7 0.15 5.02 -14.63
N ALA C 8 1.21 4.97 -13.80
CA ALA C 8 1.52 3.76 -13.04
C ALA C 8 1.10 4.04 -11.63
N MET C 9 1.01 2.95 -10.83
CA MET C 9 0.82 3.06 -9.41
C MET C 9 2.07 3.65 -8.75
N PRO D 1 18.12 6.73 7.67
CA PRO D 1 18.02 5.36 8.23
C PRO D 1 17.21 5.28 9.56
N ARG D 2 16.16 4.44 9.60
CA ARG D 2 15.32 4.38 10.81
C ARG D 2 15.77 3.24 11.79
N ARG D 3 15.48 3.41 13.07
CA ARG D 3 15.74 2.36 14.06
C ARG D 3 14.82 1.18 13.75
N ASN D 4 15.25 -0.03 14.06
CA ASN D 4 14.45 -1.17 13.69
C ASN D 4 13.58 -1.62 14.83
N LEU D 6 10.67 -5.13 15.21
CA LEU D 6 10.08 -6.30 14.52
C LEU D 6 8.79 -6.78 15.22
N PRO D 7 7.69 -7.07 14.46
CA PRO D 7 7.53 -7.19 13.02
C PRO D 7 7.64 -5.86 12.27
N ALA D 8 8.06 -5.94 11.01
CA ALA D 8 7.96 -4.76 10.10
C ALA D 8 6.77 -5.05 9.19
N MET D 9 6.28 -4.02 8.48
CA MET D 9 5.19 -4.19 7.48
C MET D 9 5.61 -5.16 6.38
N ASP D 10 6.83 -4.91 5.85
CA ASP D 10 7.45 -5.71 4.81
C ASP D 10 8.50 -6.68 5.40
N GLN D 11 8.06 -7.91 5.67
CA GLN D 11 8.89 -9.05 6.13
C GLN D 11 8.79 -9.27 7.64
#